data_7EXS
#
_entry.id   7EXS
#
_cell.length_a   130.362
_cell.length_b   47.141
_cell.length_c   64.763
_cell.angle_alpha   90.000
_cell.angle_beta   90.000
_cell.angle_gamma   90.000
#
_symmetry.space_group_name_H-M   'P 21 21 2'
#
loop_
_entity.id
_entity.type
_entity.pdbx_description
1 polymer 'Sarcosine oxidase'
2 non-polymer 'FLAVIN-ADENINE DINUCLEOTIDE'
3 non-polymer GLYCEROL
4 non-polymer 'CHLORIDE ION'
5 non-polymer 'PHOSPHATE ION'
6 water water
#
_entity_poly.entity_id   1
_entity_poly.type   'polypeptide(L)'
_entity_poly.pdbx_seq_one_letter_code
;ATVIVVGLGIMGSATAWALARRGVRVVGLEQYAPFHALGSSHGKTRIIREAYFESPEYVPLVQRAYELWDELGERTGRRL
LRVTGGVSIGRLDSPFIVGARESAQRHGLAHELLDAQEARKRFPVLALPDDFVALVEGRAGILFAEECWRAFCEDAVRHG
AELRFGVRVHGFAPDGEGMTVETESGRLRADRVVVTAGPWSTTLLADLGLPLEVRRVLVVHVQPDDPTRFRPEVLPIFIM
DVPEGEYYGFPFLPDQGVKFGRHDDGEVCTPESVRRTVTDDEVRWMTGVLQRYLPGAAREVLMTVTCLYTMTPDRHFMID
RHPEWPQVVFAAGFSGHGFKFASVMGEALADLALEGASRLPIGFLSFRRLAK
;
_entity_poly.pdbx_strand_id   A
#
# COMPACT_ATOMS: atom_id res chain seq x y z
N ALA A 1 20.37 -17.23 12.70
CA ALA A 1 19.28 -17.61 11.67
C ALA A 1 19.59 -16.94 10.31
N THR A 2 19.27 -17.58 9.18
CA THR A 2 19.36 -16.89 7.91
C THR A 2 17.97 -16.96 7.29
N VAL A 3 17.64 -15.83 6.68
CA VAL A 3 16.36 -15.74 5.92
C VAL A 3 16.67 -15.17 4.52
N ILE A 4 16.08 -15.68 3.46
CA ILE A 4 16.06 -15.02 2.16
C ILE A 4 14.69 -14.41 1.97
N VAL A 5 14.64 -13.16 1.55
CA VAL A 5 13.43 -12.42 1.21
C VAL A 5 13.40 -12.29 -0.30
N VAL A 6 12.36 -12.75 -0.96
CA VAL A 6 12.18 -12.71 -2.40
C VAL A 6 11.22 -11.54 -2.68
N GLY A 7 11.73 -10.54 -3.40
CA GLY A 7 10.95 -9.36 -3.78
C GLY A 7 11.24 -8.28 -2.80
N LEU A 8 11.72 -7.15 -3.35
CA LEU A 8 12.12 -5.96 -2.51
C LEU A 8 11.32 -4.72 -2.93
N GLY A 9 10.01 -4.94 -3.10
CA GLY A 9 9.03 -3.87 -3.01
C GLY A 9 8.91 -3.45 -1.56
N ILE A 10 7.88 -2.67 -1.22
CA ILE A 10 7.75 -2.23 0.15
C ILE A 10 7.66 -3.34 1.16
N MET A 11 6.97 -4.44 0.77
CA MET A 11 6.82 -5.46 1.74
C MET A 11 8.06 -6.28 2.05
N GLY A 12 8.74 -6.63 1.00
CA GLY A 12 10.06 -7.30 1.18
C GLY A 12 11.13 -6.42 1.89
N SER A 13 11.06 -5.09 1.60
CA SER A 13 12.03 -4.19 2.22
C SER A 13 11.66 -4.06 3.70
N ALA A 14 10.36 -3.99 4.04
CA ALA A 14 10.02 -3.89 5.45
C ALA A 14 10.41 -5.15 6.20
N THR A 15 10.25 -6.29 5.53
CA THR A 15 10.58 -7.56 6.14
C THR A 15 12.11 -7.70 6.36
N ALA A 16 12.89 -7.26 5.39
CA ALA A 16 14.38 -7.25 5.56
C ALA A 16 14.77 -6.37 6.72
N TRP A 17 14.11 -5.23 6.85
CA TRP A 17 14.31 -4.35 8.02
C TRP A 17 13.93 -4.98 9.34
N ALA A 18 12.72 -5.57 9.40
CA ALA A 18 12.27 -6.16 10.68
C ALA A 18 13.25 -7.32 11.01
N LEU A 19 13.66 -8.12 10.03
CA LEU A 19 14.60 -9.26 10.38
C LEU A 19 15.96 -8.72 10.81
N ALA A 20 16.49 -7.75 10.13
CA ALA A 20 17.86 -7.34 10.47
C ALA A 20 17.89 -6.67 11.82
N ARG A 21 16.81 -5.98 12.16
CA ARG A 21 16.74 -5.33 13.49
C ARG A 21 16.78 -6.34 14.63
N ARG A 22 16.39 -7.57 14.35
CA ARG A 22 16.40 -8.63 15.34
C ARG A 22 17.69 -9.36 15.40
N GLY A 23 18.67 -8.95 14.57
CA GLY A 23 20.00 -9.61 14.49
C GLY A 23 20.05 -10.85 13.62
N VAL A 24 19.06 -10.98 12.72
CA VAL A 24 18.96 -12.05 11.82
C VAL A 24 19.76 -11.73 10.51
N ARG A 25 20.52 -12.71 10.01
CA ARG A 25 21.20 -12.59 8.71
C ARG A 25 20.16 -12.69 7.62
N VAL A 26 20.06 -11.68 6.75
CA VAL A 26 19.01 -11.62 5.76
C VAL A 26 19.63 -11.29 4.42
N VAL A 27 19.28 -11.98 3.37
CA VAL A 27 19.61 -11.67 2.01
C VAL A 27 18.35 -11.46 1.25
N GLY A 28 18.15 -10.23 0.76
CA GLY A 28 16.98 -9.95 -0.14
C GLY A 28 17.35 -10.17 -1.56
N LEU A 29 16.44 -10.60 -2.37
CA LEU A 29 16.62 -10.85 -3.83
C LEU A 29 15.53 -10.10 -4.54
N GLU A 30 15.84 -9.29 -5.53
CA GLU A 30 14.88 -8.55 -6.29
C GLU A 30 15.25 -8.67 -7.80
N GLN A 31 14.30 -8.89 -8.66
CA GLN A 31 14.62 -9.10 -10.10
C GLN A 31 15.02 -7.79 -10.82
N TYR A 32 14.47 -6.63 -10.39
CA TYR A 32 14.73 -5.37 -11.09
C TYR A 32 15.66 -4.51 -10.29
N ALA A 33 15.80 -3.23 -10.68
CA ALA A 33 16.72 -2.33 -10.00
C ALA A 33 16.10 -1.78 -8.69
N PRO A 34 16.89 -1.19 -7.81
CA PRO A 34 16.35 -0.64 -6.52
C PRO A 34 15.33 0.46 -6.81
N PHE A 35 14.14 0.41 -6.14
CA PHE A 35 13.12 1.50 -6.11
C PHE A 35 12.61 1.73 -7.52
N HIS A 36 12.38 0.63 -8.29
CA HIS A 36 11.94 0.68 -9.69
C HIS A 36 10.43 0.89 -9.71
N ALA A 37 9.97 1.32 -10.87
CA ALA A 37 8.56 1.58 -11.09
C ALA A 37 7.68 0.58 -11.81
N LEU A 38 8.10 -0.68 -11.87
CA LEU A 38 7.34 -1.72 -12.50
C LEU A 38 6.45 -2.49 -11.66
N GLY A 39 6.45 -2.29 -10.34
CA GLY A 39 5.54 -3.03 -9.40
C GLY A 39 4.46 -2.17 -8.79
N SER A 40 4.18 -2.41 -7.55
CA SER A 40 3.07 -1.73 -6.95
C SER A 40 3.51 -0.63 -5.96
N SER A 41 4.82 -0.51 -5.57
CA SER A 41 5.26 0.31 -4.44
C SER A 41 5.75 1.69 -4.87
N HIS A 42 5.79 1.96 -6.17
CA HIS A 42 6.51 3.16 -6.63
C HIS A 42 5.61 4.40 -6.49
N GLY A 43 6.27 5.53 -6.39
CA GLY A 43 5.59 6.84 -6.33
C GLY A 43 6.13 7.62 -5.09
N LYS A 44 5.90 8.94 -5.11
CA LYS A 44 6.43 9.71 -3.99
C LYS A 44 5.52 9.77 -2.76
N THR A 45 4.21 9.47 -2.96
CA THR A 45 3.28 9.55 -1.81
C THR A 45 2.22 8.42 -1.81
N ARG A 46 1.81 8.07 -0.57
CA ARG A 46 0.66 7.14 -0.38
C ARG A 46 -0.12 7.70 0.80
N ILE A 47 -1.40 7.33 0.86
CA ILE A 47 -2.30 7.72 1.96
C ILE A 47 -2.10 6.69 3.09
N ILE A 48 -2.17 7.19 4.34
CA ILE A 48 -2.38 6.40 5.59
C ILE A 48 -3.68 6.92 6.21
N ARG A 49 -4.54 5.99 6.60
CA ARG A 49 -5.77 6.35 7.31
C ARG A 49 -5.90 5.44 8.51
N GLU A 50 -6.55 5.91 9.56
CA GLU A 50 -6.72 5.14 10.82
C GLU A 50 -8.16 4.60 10.99
N ALA A 51 -9.16 5.47 10.82
CA ALA A 51 -10.55 5.00 10.94
C ALA A 51 -10.95 4.22 9.66
N TYR A 52 -10.63 2.94 9.66
CA TYR A 52 -10.40 2.19 8.42
C TYR A 52 -11.66 1.58 7.85
N PHE A 53 -12.14 2.09 6.71
CA PHE A 53 -13.48 1.62 6.33
C PHE A 53 -13.55 0.19 5.91
N GLU A 54 -12.46 -0.40 5.45
CA GLU A 54 -12.47 -1.74 4.89
C GLU A 54 -12.85 -2.75 5.93
N SER A 55 -12.52 -2.52 7.21
CA SER A 55 -12.90 -3.47 8.27
C SER A 55 -12.27 -2.95 9.54
N PRO A 56 -12.92 -2.96 10.73
CA PRO A 56 -12.31 -2.46 11.99
C PRO A 56 -11.13 -3.31 12.41
N GLU A 57 -11.07 -4.55 11.87
CA GLU A 57 -9.96 -5.45 12.24
C GLU A 57 -8.63 -4.91 11.76
N TYR A 58 -8.62 -3.98 10.78
CA TYR A 58 -7.33 -3.39 10.43
C TYR A 58 -6.85 -2.36 11.37
N VAL A 59 -7.71 -1.79 12.22
CA VAL A 59 -7.34 -0.62 13.01
C VAL A 59 -6.18 -0.98 13.93
N PRO A 60 -6.18 -2.11 14.67
CA PRO A 60 -5.00 -2.34 15.53
C PRO A 60 -3.72 -2.56 14.72
N LEU A 61 -3.84 -3.06 13.50
CA LEU A 61 -2.67 -3.23 12.66
C LEU A 61 -2.19 -1.91 12.15
N VAL A 62 -3.07 -1.01 11.67
CA VAL A 62 -2.53 0.30 11.21
C VAL A 62 -1.99 1.13 12.33
N GLN A 63 -2.53 1.00 13.54
CA GLN A 63 -2.03 1.68 14.71
C GLN A 63 -0.62 1.23 15.05
N ARG A 64 -0.36 -0.05 14.96
CA ARG A 64 1.04 -0.53 15.12
C ARG A 64 1.86 -0.08 13.97
N ALA A 65 1.38 -0.02 12.72
CA ALA A 65 2.12 0.47 11.56
C ALA A 65 2.55 1.93 11.79
N TYR A 66 1.66 2.78 12.32
CA TYR A 66 2.07 4.15 12.72
C TYR A 66 3.23 4.21 13.66
N GLU A 67 3.22 3.32 14.67
CA GLU A 67 4.30 3.33 15.63
C GLU A 67 5.56 2.94 15.00
N LEU A 68 5.53 2.01 14.03
CA LEU A 68 6.74 1.53 13.41
C LEU A 68 7.24 2.54 12.33
N TRP A 69 6.35 3.29 11.70
CA TRP A 69 6.77 4.35 10.79
C TRP A 69 7.51 5.43 11.57
N ASP A 70 7.07 5.70 12.81
CA ASP A 70 7.75 6.71 13.57
C ASP A 70 9.11 6.24 13.95
N GLU A 71 9.22 4.96 14.31
CA GLU A 71 10.58 4.39 14.72
C GLU A 71 11.51 4.41 13.53
N LEU A 72 11.00 4.04 12.35
CA LEU A 72 11.82 4.02 11.15
C LEU A 72 12.34 5.44 10.83
N GLY A 73 11.49 6.44 10.95
CA GLY A 73 11.82 7.87 10.69
C GLY A 73 12.91 8.31 11.65
N GLU A 74 12.78 7.93 12.94
CA GLU A 74 13.80 8.33 13.96
C GLU A 74 15.18 7.72 13.66
N ARG A 75 15.20 6.45 13.25
CA ARG A 75 16.47 5.75 13.04
C ARG A 75 17.17 6.21 11.75
N THR A 76 16.43 6.74 10.79
CA THR A 76 17.08 6.97 9.47
C THR A 76 17.24 8.44 9.20
N GLY A 77 16.60 9.22 10.02
CA GLY A 77 16.49 10.67 9.79
C GLY A 77 15.77 11.16 8.55
N ARG A 78 14.94 10.28 7.96
CA ARG A 78 14.20 10.67 6.77
C ARG A 78 12.81 11.07 7.19
N ARG A 79 12.23 12.01 6.43
CA ARG A 79 10.88 12.47 6.77
C ARG A 79 9.86 11.59 6.01
N LEU A 80 9.13 10.80 6.77
CA LEU A 80 8.28 9.73 6.23
C LEU A 80 6.80 9.99 6.26
N LEU A 81 6.29 10.75 7.22
CA LEU A 81 4.83 10.92 7.42
C LEU A 81 4.53 12.37 7.67
N ARG A 82 3.49 12.86 7.03
CA ARG A 82 2.86 14.20 7.31
C ARG A 82 1.42 13.96 7.64
N VAL A 83 1.03 14.10 8.94
CA VAL A 83 -0.41 13.97 9.23
C VAL A 83 -1.16 15.20 8.74
N THR A 84 -2.21 14.99 7.97
CA THR A 84 -2.94 16.08 7.37
C THR A 84 -4.37 16.02 7.79
N GLY A 85 -4.81 14.93 8.45
CA GLY A 85 -6.25 14.60 8.48
C GLY A 85 -6.69 13.99 7.18
N GLY A 86 -7.91 13.46 7.16
CA GLY A 86 -8.41 12.83 5.94
C GLY A 86 -9.89 13.05 5.84
N VAL A 87 -10.37 13.17 4.61
CA VAL A 87 -11.82 13.27 4.42
CA VAL A 87 -11.83 13.32 4.35
C VAL A 87 -12.29 12.26 3.41
N SER A 88 -13.39 11.61 3.74
CA SER A 88 -14.04 10.64 2.87
C SER A 88 -15.37 11.18 2.43
N ILE A 89 -15.65 11.12 1.14
CA ILE A 89 -16.85 11.76 0.55
C ILE A 89 -17.74 10.67 -0.04
N GLY A 90 -19.08 10.69 0.17
CA GLY A 90 -19.93 9.68 -0.35
C GLY A 90 -21.31 9.96 0.07
N ARG A 91 -22.22 9.13 -0.39
CA ARG A 91 -23.59 9.10 0.14
C ARG A 91 -23.52 8.60 1.59
N LEU A 92 -24.56 8.91 2.36
CA LEU A 92 -24.60 8.42 3.75
C LEU A 92 -24.39 6.92 3.86
N ASP A 93 -24.90 6.14 2.93
CA ASP A 93 -24.68 4.69 2.99
C ASP A 93 -23.53 4.13 2.14
N SER A 94 -22.63 5.03 1.73
CA SER A 94 -21.39 4.53 1.04
C SER A 94 -20.56 3.76 2.04
N PRO A 95 -19.94 2.62 1.62
CA PRO A 95 -19.01 1.95 2.55
C PRO A 95 -17.88 2.82 3.05
N PHE A 96 -17.48 3.80 2.28
CA PHE A 96 -16.41 4.67 2.76
C PHE A 96 -16.85 5.40 4.02
N ILE A 97 -18.14 5.78 4.04
CA ILE A 97 -18.67 6.52 5.17
C ILE A 97 -19.09 5.52 6.29
N VAL A 98 -19.91 4.55 5.93
CA VAL A 98 -20.42 3.54 6.92
C VAL A 98 -19.23 2.83 7.65
N GLY A 99 -18.31 2.35 6.83
CA GLY A 99 -17.18 1.55 7.40
C GLY A 99 -16.26 2.39 8.27
N ALA A 100 -15.97 3.62 7.88
CA ALA A 100 -15.12 4.48 8.71
C ALA A 100 -15.79 4.79 10.05
N ARG A 101 -17.11 5.07 10.04
CA ARG A 101 -17.82 5.30 11.30
C ARG A 101 -17.80 4.07 12.17
N GLU A 102 -17.99 2.89 11.56
CA GLU A 102 -18.01 1.63 12.36
C GLU A 102 -16.63 1.42 13.01
N SER A 103 -15.60 1.54 12.19
CA SER A 103 -14.17 1.44 12.68
C SER A 103 -13.85 2.47 13.79
N ALA A 104 -14.28 3.70 13.58
CA ALA A 104 -13.98 4.74 14.55
C ALA A 104 -14.71 4.52 15.88
N GLN A 105 -15.98 4.15 15.78
CA GLN A 105 -16.74 3.85 17.00
C GLN A 105 -16.15 2.67 17.74
N ARG A 106 -15.84 1.62 17.02
CA ARG A 106 -15.28 0.43 17.67
C ARG A 106 -13.96 0.69 18.35
N HIS A 107 -13.13 1.62 17.86
CA HIS A 107 -11.79 1.91 18.38
C HIS A 107 -11.73 3.22 19.06
N GLY A 108 -12.84 3.86 19.29
CA GLY A 108 -12.86 5.12 20.09
C GLY A 108 -12.18 6.26 19.45
N LEU A 109 -12.20 6.32 18.11
CA LEU A 109 -11.45 7.34 17.35
C LEU A 109 -12.27 8.61 17.09
N ALA A 110 -11.63 9.77 17.19
CA ALA A 110 -12.32 11.06 16.94
C ALA A 110 -12.70 11.05 15.43
N HIS A 111 -13.94 11.49 15.15
CA HIS A 111 -14.30 11.67 13.76
C HIS A 111 -15.48 12.62 13.70
N GLU A 112 -15.77 13.18 12.54
CA GLU A 112 -16.89 14.12 12.41
CA GLU A 112 -16.89 14.12 12.40
C GLU A 112 -17.60 13.83 11.10
N LEU A 113 -18.93 13.66 11.14
CA LEU A 113 -19.69 13.58 9.93
C LEU A 113 -20.24 14.96 9.60
N LEU A 114 -20.06 15.41 8.35
CA LEU A 114 -20.63 16.69 7.95
C LEU A 114 -21.59 16.51 6.79
N ASP A 115 -22.76 17.23 6.80
CA ASP A 115 -23.59 17.28 5.65
C ASP A 115 -23.01 18.18 4.54
N ALA A 116 -23.59 18.19 3.34
CA ALA A 116 -23.00 18.86 2.20
C ALA A 116 -22.75 20.33 2.56
N GLN A 117 -23.68 20.99 3.27
CA GLN A 117 -23.50 22.42 3.56
C GLN A 117 -22.30 22.65 4.45
N GLU A 118 -22.16 21.82 5.46
CA GLU A 118 -21.13 21.94 6.44
C GLU A 118 -19.80 21.55 5.81
N ALA A 119 -19.83 20.54 4.96
CA ALA A 119 -18.58 20.12 4.25
C ALA A 119 -18.04 21.23 3.30
N ARG A 120 -18.92 21.93 2.60
CA ARG A 120 -18.51 23.03 1.70
C ARG A 120 -17.97 24.14 2.51
N LYS A 121 -18.53 24.39 3.71
CA LYS A 121 -17.94 25.43 4.54
C LYS A 121 -16.51 25.10 4.98
N ARG A 122 -16.30 23.85 5.40
CA ARG A 122 -15.03 23.41 5.96
C ARG A 122 -13.95 23.22 4.89
N PHE A 123 -14.37 22.76 3.73
CA PHE A 123 -13.45 22.38 2.65
C PHE A 123 -14.02 22.96 1.37
N PRO A 124 -13.93 24.31 1.20
CA PRO A 124 -14.54 24.85 0.00
C PRO A 124 -13.97 24.42 -1.35
N VAL A 125 -12.78 23.78 -1.34
CA VAL A 125 -12.21 23.28 -2.53
C VAL A 125 -13.01 22.10 -3.08
N LEU A 126 -13.82 21.45 -2.24
CA LEU A 126 -14.63 20.30 -2.68
C LEU A 126 -15.96 20.77 -3.13
N ALA A 127 -16.38 20.28 -4.28
CA ALA A 127 -17.73 20.52 -4.78
C ALA A 127 -18.54 19.22 -4.68
N LEU A 128 -19.42 19.14 -3.69
CA LEU A 128 -20.20 17.94 -3.42
C LEU A 128 -21.62 18.20 -3.76
N PRO A 129 -22.32 17.15 -4.23
CA PRO A 129 -23.76 17.12 -4.39
C PRO A 129 -24.45 17.34 -3.03
N ASP A 130 -25.66 17.91 -3.09
CA ASP A 130 -26.41 18.23 -1.87
C ASP A 130 -26.73 17.02 -1.00
N ASP A 131 -26.81 15.86 -1.62
CA ASP A 131 -27.08 14.62 -0.87
C ASP A 131 -25.86 13.82 -0.38
N PHE A 132 -24.68 14.37 -0.61
CA PHE A 132 -23.50 13.74 -0.08
C PHE A 132 -23.12 14.21 1.31
N VAL A 133 -22.31 13.39 1.96
CA VAL A 133 -21.73 13.72 3.27
C VAL A 133 -20.21 13.60 3.25
N ALA A 134 -19.58 14.13 4.27
CA ALA A 134 -18.12 13.98 4.42
C ALA A 134 -17.84 13.46 5.78
N LEU A 135 -16.87 12.57 5.89
CA LEU A 135 -16.45 12.06 7.18
C LEU A 135 -14.98 12.43 7.36
N VAL A 136 -14.73 13.16 8.39
CA VAL A 136 -13.38 13.68 8.67
C VAL A 136 -12.73 12.92 9.77
N GLU A 137 -11.44 12.56 9.61
CA GLU A 137 -10.62 11.98 10.71
C GLU A 137 -9.33 12.77 10.85
N GLY A 138 -8.77 12.73 12.03
CA GLY A 138 -7.57 13.51 12.26
C GLY A 138 -6.25 12.86 11.89
N ARG A 139 -6.10 11.54 12.03
CA ARG A 139 -4.71 10.95 12.05
C ARG A 139 -4.27 10.59 10.61
N ALA A 140 -5.17 10.63 9.65
CA ALA A 140 -4.80 10.31 8.29
C ALA A 140 -3.71 11.27 7.77
N GLY A 141 -3.03 10.85 6.69
CA GLY A 141 -1.99 11.73 6.18
C GLY A 141 -1.29 11.08 4.98
N ILE A 142 -0.08 11.61 4.77
CA ILE A 142 0.68 11.30 3.58
C ILE A 142 1.92 10.54 4.08
N LEU A 143 2.15 9.32 3.57
CA LEU A 143 3.50 8.69 3.63
C LEU A 143 4.27 9.03 2.42
N PHE A 144 5.52 9.46 2.68
CA PHE A 144 6.41 9.81 1.62
C PHE A 144 7.02 8.50 1.22
N ALA A 145 6.36 7.88 0.24
CA ALA A 145 6.54 6.42 -0.03
C ALA A 145 7.94 6.03 -0.41
N GLU A 146 8.53 6.83 -1.29
CA GLU A 146 9.89 6.51 -1.73
C GLU A 146 10.93 6.73 -0.59
N GLU A 147 10.65 7.72 0.25
CA GLU A 147 11.45 7.87 1.44
C GLU A 147 11.36 6.66 2.40
N CYS A 148 10.13 6.14 2.57
CA CYS A 148 9.96 4.95 3.35
C CYS A 148 10.66 3.72 2.76
N TRP A 149 10.54 3.58 1.44
CA TRP A 149 11.18 2.39 0.76
C TRP A 149 12.69 2.46 0.97
N ARG A 150 13.28 3.61 0.73
CA ARG A 150 14.71 3.77 0.94
C ARG A 150 15.12 3.63 2.43
N ALA A 151 14.29 4.15 3.33
CA ALA A 151 14.60 4.05 4.72
C ALA A 151 14.76 2.60 5.15
N PHE A 152 13.73 1.77 4.82
CA PHE A 152 13.87 0.36 5.22
C PHE A 152 15.16 -0.25 4.75
N CYS A 153 15.52 0.05 3.47
CA CYS A 153 16.78 -0.59 2.94
C CYS A 153 18.05 -0.04 3.61
N GLU A 154 18.05 1.29 3.89
CA GLU A 154 19.20 1.85 4.59
C GLU A 154 19.37 1.24 5.99
N ASP A 155 18.30 1.21 6.77
CA ASP A 155 18.41 0.73 8.11
C ASP A 155 18.60 -0.80 8.13
N ALA A 156 18.01 -1.55 7.20
CA ALA A 156 18.33 -3.00 7.13
C ALA A 156 19.80 -3.23 6.86
N VAL A 157 20.35 -2.54 5.88
CA VAL A 157 21.81 -2.64 5.62
C VAL A 157 22.70 -2.19 6.82
N ARG A 158 22.27 -1.19 7.55
CA ARG A 158 23.00 -0.82 8.74
C ARG A 158 23.01 -1.98 9.70
N HIS A 159 21.95 -2.79 9.72
CA HIS A 159 21.89 -3.95 10.64
C HIS A 159 22.30 -5.24 10.00
N GLY A 160 23.05 -5.15 8.90
CA GLY A 160 23.70 -6.32 8.32
C GLY A 160 23.06 -6.98 7.12
N ALA A 161 21.90 -6.45 6.69
CA ALA A 161 21.26 -7.10 5.54
C ALA A 161 22.08 -6.98 4.29
N GLU A 162 21.93 -7.95 3.40
CA GLU A 162 22.47 -7.87 2.01
C GLU A 162 21.34 -7.81 1.09
N LEU A 163 21.31 -6.91 0.10
CA LEU A 163 20.17 -6.75 -0.82
C LEU A 163 20.69 -6.87 -2.23
N ARG A 164 20.18 -7.79 -2.99
CA ARG A 164 20.64 -8.06 -4.38
C ARG A 164 19.64 -7.70 -5.36
N PHE A 165 20.00 -6.94 -6.40
CA PHE A 165 19.01 -6.48 -7.41
C PHE A 165 19.45 -7.03 -8.78
N GLY A 166 18.54 -7.16 -9.74
CA GLY A 166 18.82 -7.78 -11.03
C GLY A 166 18.95 -9.27 -10.93
N VAL A 167 18.40 -9.82 -9.84
CA VAL A 167 18.34 -11.33 -9.63
C VAL A 167 16.87 -11.88 -9.55
N ARG A 168 16.49 -12.65 -10.56
CA ARG A 168 15.16 -13.26 -10.60
CA ARG A 168 15.16 -13.26 -10.63
C ARG A 168 15.22 -14.65 -9.96
N VAL A 169 14.37 -14.85 -8.97
CA VAL A 169 14.23 -16.18 -8.31
C VAL A 169 13.30 -17.07 -9.13
N HIS A 170 13.80 -18.26 -9.48
CA HIS A 170 12.97 -19.20 -10.26
C HIS A 170 12.14 -20.09 -9.41
N GLY A 171 12.61 -20.47 -8.24
CA GLY A 171 11.86 -21.39 -7.36
C GLY A 171 12.65 -21.64 -6.09
N PHE A 172 12.13 -22.51 -5.26
CA PHE A 172 12.78 -22.88 -4.02
C PHE A 172 12.23 -24.18 -3.52
N ALA A 173 12.95 -24.81 -2.62
CA ALA A 173 12.54 -26.11 -2.06
C ALA A 173 13.30 -26.38 -0.79
N PRO A 174 12.72 -27.17 0.11
CA PRO A 174 13.38 -27.55 1.36
C PRO A 174 14.55 -28.49 0.95
N ASP A 175 15.63 -28.38 1.72
CA ASP A 175 16.90 -29.16 1.42
C ASP A 175 17.37 -30.04 2.61
N GLY A 176 16.61 -30.08 3.69
CA GLY A 176 16.96 -30.94 4.85
C GLY A 176 17.64 -30.16 5.98
N GLU A 177 18.09 -28.95 5.66
CA GLU A 177 18.77 -28.05 6.58
C GLU A 177 18.25 -26.62 6.37
N GLY A 178 17.08 -26.49 5.82
CA GLY A 178 16.51 -25.20 5.49
C GLY A 178 15.98 -25.25 4.09
N MET A 179 16.12 -24.13 3.41
CA MET A 179 15.69 -24.01 2.03
C MET A 179 16.78 -23.66 1.07
N THR A 180 16.70 -24.15 -0.15
CA THR A 180 17.56 -23.74 -1.27
C THR A 180 16.76 -22.98 -2.28
N VAL A 181 17.23 -21.80 -2.65
CA VAL A 181 16.50 -20.91 -3.56
C VAL A 181 17.28 -20.95 -4.88
N GLU A 182 16.65 -21.18 -6.04
CA GLU A 182 17.23 -21.21 -7.36
C GLU A 182 17.02 -19.89 -8.05
N THR A 183 18.11 -19.30 -8.50
CA THR A 183 17.96 -18.08 -9.32
C THR A 183 18.38 -18.35 -10.72
N GLU A 184 18.15 -17.33 -11.55
CA GLU A 184 18.56 -17.34 -12.95
C GLU A 184 20.08 -17.42 -13.04
N SER A 185 20.76 -17.24 -11.90
CA SER A 185 22.22 -17.16 -11.86
C SER A 185 22.98 -18.12 -10.93
N GLY A 186 22.28 -18.99 -10.19
CA GLY A 186 23.02 -19.79 -9.20
C GLY A 186 22.05 -20.09 -8.07
N ARG A 187 22.54 -20.61 -6.97
CA ARG A 187 21.66 -21.00 -5.85
C ARG A 187 22.06 -20.25 -4.61
N LEU A 188 21.15 -20.13 -3.67
CA LEU A 188 21.42 -19.56 -2.37
C LEU A 188 20.69 -20.33 -1.33
N ARG A 189 21.20 -20.34 -0.10
CA ARG A 189 20.62 -21.22 0.91
C ARG A 189 20.30 -20.45 2.15
N ALA A 190 19.20 -20.77 2.79
CA ALA A 190 18.88 -20.11 4.07
C ALA A 190 18.03 -21.00 4.97
N ASP A 191 17.86 -20.64 6.24
CA ASP A 191 16.93 -21.41 7.06
C ASP A 191 15.50 -21.25 6.66
N ARG A 192 15.15 -20.02 6.24
CA ARG A 192 13.76 -19.69 5.96
C ARG A 192 13.68 -18.82 4.69
N VAL A 193 12.49 -18.80 4.08
CA VAL A 193 12.22 -17.93 2.96
C VAL A 193 10.94 -17.14 3.20
N VAL A 194 10.96 -15.85 2.91
CA VAL A 194 9.78 -14.98 2.89
C VAL A 194 9.56 -14.58 1.42
N VAL A 195 8.33 -14.80 0.94
CA VAL A 195 7.97 -14.32 -0.41
C VAL A 195 7.07 -13.13 -0.34
N THR A 196 7.54 -12.02 -0.90
CA THR A 196 6.77 -10.78 -1.01
C THR A 196 6.89 -10.32 -2.49
N ALA A 197 6.29 -11.05 -3.41
CA ALA A 197 6.42 -10.94 -4.85
C ALA A 197 5.38 -10.07 -5.53
N GLY A 198 4.49 -9.48 -4.70
CA GLY A 198 3.63 -8.47 -5.34
C GLY A 198 2.72 -9.08 -6.45
N PRO A 199 2.53 -8.39 -7.55
CA PRO A 199 1.77 -8.89 -8.69
C PRO A 199 2.37 -10.10 -9.35
N TRP A 200 3.57 -10.50 -9.05
CA TRP A 200 4.17 -11.70 -9.67
C TRP A 200 3.92 -12.88 -8.78
N SER A 201 3.19 -12.75 -7.67
CA SER A 201 2.98 -13.86 -6.74
C SER A 201 2.43 -15.15 -7.37
N THR A 202 1.50 -15.09 -8.33
CA THR A 202 1.00 -16.35 -8.91
C THR A 202 1.97 -16.90 -9.89
N THR A 203 3.12 -16.28 -10.12
CA THR A 203 4.13 -16.91 -11.02
C THR A 203 5.02 -17.77 -10.11
N LEU A 204 5.70 -17.11 -9.21
CA LEU A 204 6.53 -17.78 -8.24
C LEU A 204 5.78 -18.81 -7.44
N LEU A 205 4.58 -18.49 -6.93
CA LEU A 205 3.78 -19.37 -6.07
C LEU A 205 2.64 -20.02 -6.90
N ALA A 206 2.88 -20.23 -8.21
CA ALA A 206 1.88 -20.86 -9.09
C ALA A 206 1.28 -22.08 -8.45
N ASP A 207 2.07 -22.97 -7.88
CA ASP A 207 1.47 -24.22 -7.44
C ASP A 207 0.60 -24.11 -6.19
N LEU A 208 0.49 -22.90 -5.59
CA LEU A 208 -0.46 -22.68 -4.49
C LEU A 208 -1.87 -22.25 -4.93
N GLY A 209 -2.02 -21.91 -6.22
CA GLY A 209 -3.37 -21.50 -6.69
C GLY A 209 -3.98 -20.33 -5.93
N LEU A 210 -3.18 -19.30 -5.65
CA LEU A 210 -3.71 -18.11 -4.89
C LEU A 210 -4.71 -17.36 -5.76
N PRO A 211 -5.81 -16.95 -5.17
CA PRO A 211 -6.87 -16.23 -5.92
C PRO A 211 -6.50 -14.78 -6.05
N LEU A 212 -5.65 -14.48 -7.01
CA LEU A 212 -5.09 -13.11 -7.13
C LEU A 212 -5.27 -12.64 -8.55
N GLU A 213 -5.75 -11.38 -8.71
CA GLU A 213 -5.98 -10.78 -10.03
C GLU A 213 -5.25 -9.44 -10.05
N VAL A 214 -4.45 -9.24 -11.08
CA VAL A 214 -3.65 -8.03 -11.17
C VAL A 214 -4.40 -7.02 -12.02
N ARG A 215 -4.43 -5.76 -11.55
CA ARG A 215 -5.15 -4.70 -12.23
C ARG A 215 -4.24 -3.52 -12.47
N ARG A 216 -4.39 -2.94 -13.66
CA ARG A 216 -3.71 -1.69 -14.01
C ARG A 216 -4.54 -0.51 -13.65
N VAL A 217 -3.94 0.41 -12.96
CA VAL A 217 -4.61 1.60 -12.52
C VAL A 217 -3.82 2.79 -12.83
N LEU A 218 -4.52 3.94 -12.83
CA LEU A 218 -3.93 5.23 -13.34
C LEU A 218 -3.95 6.28 -12.30
N VAL A 219 -2.85 7.09 -12.30
CA VAL A 219 -2.77 8.33 -11.53
C VAL A 219 -2.41 9.48 -12.44
N VAL A 220 -2.95 10.67 -12.12
CA VAL A 220 -2.60 11.90 -12.84
C VAL A 220 -2.13 12.91 -11.82
N HIS A 221 -1.15 13.74 -12.24
CA HIS A 221 -0.71 14.91 -11.46
C HIS A 221 -1.06 16.15 -12.27
N VAL A 222 -1.73 17.12 -11.63
CA VAL A 222 -2.18 18.33 -12.26
C VAL A 222 -1.73 19.56 -11.51
N GLN A 223 -1.64 20.65 -12.24
CA GLN A 223 -1.23 21.91 -11.63
C GLN A 223 -2.43 22.86 -11.53
N PRO A 224 -2.81 23.28 -10.34
CA PRO A 224 -3.92 24.30 -10.31
C PRO A 224 -3.33 25.67 -10.75
N ASP A 225 -4.19 26.60 -11.12
CA ASP A 225 -3.77 27.97 -11.33
C ASP A 225 -3.66 28.72 -9.98
N ASP A 226 -4.41 28.22 -8.97
CA ASP A 226 -4.27 28.77 -7.62
C ASP A 226 -3.86 27.70 -6.60
N PRO A 227 -2.60 27.25 -6.67
CA PRO A 227 -2.18 26.11 -5.84
C PRO A 227 -2.48 26.32 -4.36
N THR A 228 -2.38 27.57 -3.87
CA THR A 228 -2.43 27.75 -2.42
C THR A 228 -3.75 27.27 -1.85
N ARG A 229 -4.82 27.30 -2.63
CA ARG A 229 -6.12 26.86 -2.09
C ARG A 229 -6.30 25.31 -2.05
N PHE A 230 -5.26 24.64 -2.62
CA PHE A 230 -5.17 23.16 -2.61
C PHE A 230 -4.12 22.64 -1.64
N ARG A 231 -3.48 23.49 -0.82
CA ARG A 231 -2.40 23.02 0.01
C ARG A 231 -2.87 22.26 1.25
N PRO A 232 -2.01 21.44 1.84
CA PRO A 232 -2.42 20.56 2.93
C PRO A 232 -3.19 21.26 4.03
N GLU A 233 -2.87 22.52 4.34
CA GLU A 233 -3.53 23.17 5.46
C GLU A 233 -5.05 23.26 5.18
N VAL A 234 -5.45 23.37 3.92
CA VAL A 234 -6.89 23.48 3.64
C VAL A 234 -7.50 22.31 2.96
N LEU A 235 -6.65 21.37 2.57
CA LEU A 235 -7.12 20.18 1.76
C LEU A 235 -6.42 18.90 2.26
N PRO A 236 -7.08 18.14 3.16
CA PRO A 236 -6.47 16.90 3.66
C PRO A 236 -6.42 15.89 2.48
N ILE A 237 -5.75 14.75 2.72
CA ILE A 237 -5.98 13.65 1.77
C ILE A 237 -7.46 13.31 1.70
N PHE A 238 -7.85 12.82 0.53
CA PHE A 238 -9.22 12.57 0.32
C PHE A 238 -9.53 11.31 -0.46
N ILE A 239 -10.71 10.72 -0.20
CA ILE A 239 -11.23 9.59 -0.92
C ILE A 239 -12.68 9.83 -1.21
N MET A 240 -13.14 9.39 -2.40
CA MET A 240 -14.51 9.67 -2.82
C MET A 240 -15.12 8.49 -3.50
N ASP A 241 -16.37 8.20 -3.12
CA ASP A 241 -17.20 7.18 -3.76
C ASP A 241 -18.31 7.89 -4.52
N VAL A 242 -18.14 8.01 -5.82
CA VAL A 242 -19.03 8.87 -6.64
C VAL A 242 -19.60 8.09 -7.81
N PRO A 243 -20.58 8.66 -8.55
CA PRO A 243 -21.13 7.84 -9.61
C PRO A 243 -20.12 7.46 -10.69
N GLU A 244 -19.04 8.30 -10.78
CA GLU A 244 -18.01 8.01 -11.79
C GLU A 244 -16.99 6.97 -11.30
N GLY A 245 -17.07 6.50 -10.05
CA GLY A 245 -16.09 5.47 -9.60
C GLY A 245 -15.58 5.81 -8.20
N GLU A 246 -14.53 5.06 -7.75
CA GLU A 246 -13.89 5.41 -6.53
C GLU A 246 -12.57 6.08 -6.83
N TYR A 247 -12.37 7.21 -6.24
CA TYR A 247 -11.13 7.99 -6.50
C TYR A 247 -10.50 8.47 -5.23
N TYR A 248 -9.24 8.94 -5.31
CA TYR A 248 -8.48 9.44 -4.15
C TYR A 248 -7.52 10.46 -4.61
N GLY A 249 -7.21 11.37 -3.69
CA GLY A 249 -6.22 12.37 -4.00
C GLY A 249 -5.54 12.95 -2.85
N PHE A 250 -4.56 13.81 -3.19
CA PHE A 250 -3.71 14.46 -2.25
C PHE A 250 -3.78 15.99 -2.46
N PRO A 251 -3.49 16.75 -1.39
CA PRO A 251 -3.24 18.19 -1.54
C PRO A 251 -2.05 18.50 -2.41
N PHE A 252 -2.07 19.68 -3.03
CA PHE A 252 -0.89 20.19 -3.72
C PHE A 252 0.40 20.18 -2.91
N LEU A 253 1.43 19.55 -3.50
CA LEU A 253 2.78 19.56 -2.93
C LEU A 253 3.76 20.03 -4.02
N PRO A 254 4.85 20.76 -3.63
CA PRO A 254 5.82 21.17 -4.69
C PRO A 254 6.38 19.97 -5.48
N ASP A 255 6.51 20.11 -6.81
CA ASP A 255 7.00 18.99 -7.69
C ASP A 255 6.11 17.75 -7.73
N GLN A 256 4.85 17.88 -7.38
CA GLN A 256 3.93 16.82 -7.51
C GLN A 256 2.63 17.38 -8.01
N GLY A 257 2.40 18.67 -7.86
CA GLY A 257 1.06 19.15 -8.15
C GLY A 257 0.06 18.50 -7.19
N VAL A 258 -1.20 18.44 -7.66
CA VAL A 258 -2.32 17.68 -7.04
C VAL A 258 -2.34 16.31 -7.73
N LYS A 259 -2.16 15.30 -6.93
CA LYS A 259 -2.19 13.88 -7.41
C LYS A 259 -3.59 13.28 -7.22
N PHE A 260 -4.10 12.62 -8.24
CA PHE A 260 -5.49 12.07 -8.26
C PHE A 260 -5.45 10.73 -8.94
N GLY A 261 -6.04 9.70 -8.33
CA GLY A 261 -6.07 8.36 -8.97
C GLY A 261 -7.42 7.75 -8.88
N ARG A 262 -7.58 6.66 -9.63
CA ARG A 262 -8.88 5.94 -9.64
C ARG A 262 -8.59 4.57 -8.99
N HIS A 263 -9.38 4.24 -7.98
CA HIS A 263 -9.25 2.95 -7.28
C HIS A 263 -10.05 1.77 -7.86
N ASP A 264 -11.25 1.99 -8.30
CA ASP A 264 -11.95 0.87 -8.78
C ASP A 264 -11.64 0.57 -10.24
N ASP A 265 -12.15 -0.59 -10.65
CA ASP A 265 -11.99 -1.07 -12.03
C ASP A 265 -10.51 -1.14 -12.42
N GLY A 266 -10.25 -0.67 -13.60
CA GLY A 266 -8.90 -0.83 -14.05
C GLY A 266 -8.81 -2.22 -14.64
N GLU A 267 -8.01 -2.28 -15.69
CA GLU A 267 -7.94 -3.41 -16.56
C GLU A 267 -7.20 -4.56 -15.89
N VAL A 268 -7.76 -5.74 -16.04
CA VAL A 268 -7.11 -6.99 -15.60
C VAL A 268 -5.94 -7.22 -16.59
N CYS A 269 -4.74 -7.46 -16.07
CA CYS A 269 -3.58 -7.70 -16.84
C CYS A 269 -2.58 -8.55 -16.04
N THR A 270 -1.38 -8.73 -16.55
CA THR A 270 -0.26 -9.32 -15.82
C THR A 270 0.87 -8.32 -15.90
N PRO A 271 1.92 -8.48 -15.07
CA PRO A 271 2.97 -7.48 -15.23
C PRO A 271 3.61 -7.51 -16.62
N GLU A 272 3.48 -8.65 -17.29
CA GLU A 272 4.00 -8.67 -18.68
C GLU A 272 3.11 -7.88 -19.68
N SER A 273 1.81 -7.98 -19.55
CA SER A 273 0.93 -7.43 -20.56
C SER A 273 0.52 -6.01 -20.26
N VAL A 274 0.85 -5.49 -19.08
CA VAL A 274 0.28 -4.17 -18.70
C VAL A 274 0.63 -3.08 -19.72
N ARG A 275 -0.38 -2.29 -20.12
CA ARG A 275 -0.17 -1.11 -20.98
C ARG A 275 0.34 0.08 -20.20
N ARG A 276 1.58 0.42 -20.43
CA ARG A 276 2.23 1.59 -19.82
C ARG A 276 1.86 2.90 -20.51
N THR A 277 1.32 2.81 -21.72
CA THR A 277 0.86 4.05 -22.38
C THR A 277 -0.42 4.49 -21.67
N VAL A 278 -0.54 5.81 -21.44
CA VAL A 278 -1.77 6.37 -20.82
C VAL A 278 -2.31 7.21 -21.96
N THR A 279 -3.52 6.89 -22.36
CA THR A 279 -4.12 7.48 -23.55
C THR A 279 -4.71 8.89 -23.29
N ASP A 280 -4.89 9.70 -24.35
CA ASP A 280 -5.59 10.98 -24.18
C ASP A 280 -7.00 10.75 -23.59
N ASP A 281 -7.76 9.75 -23.97
CA ASP A 281 -9.08 9.65 -23.43
C ASP A 281 -9.02 9.33 -21.91
N GLU A 282 -8.02 8.54 -21.52
CA GLU A 282 -7.85 8.20 -20.09
C GLU A 282 -7.54 9.50 -19.32
N VAL A 283 -6.69 10.36 -19.84
CA VAL A 283 -6.33 11.60 -19.17
C VAL A 283 -7.54 12.50 -19.05
N ARG A 284 -8.33 12.57 -20.10
CA ARG A 284 -9.48 13.49 -20.12
C ARG A 284 -10.54 13.01 -19.19
N TRP A 285 -10.71 11.68 -19.09
CA TRP A 285 -11.67 11.16 -18.12
C TRP A 285 -11.27 11.56 -16.67
N MET A 286 -10.02 11.27 -16.32
CA MET A 286 -9.56 11.58 -14.96
C MET A 286 -9.70 13.06 -14.65
N THR A 287 -9.25 13.96 -15.52
CA THR A 287 -9.37 15.38 -15.27
C THR A 287 -10.81 15.83 -15.29
N GLY A 288 -11.67 15.11 -16.01
CA GLY A 288 -13.09 15.45 -16.05
C GLY A 288 -13.76 15.13 -14.71
N VAL A 289 -13.38 13.98 -14.16
CA VAL A 289 -13.91 13.61 -12.81
C VAL A 289 -13.35 14.58 -11.77
N LEU A 290 -12.05 14.86 -11.83
CA LEU A 290 -11.42 15.72 -10.83
C LEU A 290 -12.03 17.13 -10.87
N GLN A 291 -12.35 17.63 -12.04
CA GLN A 291 -12.90 19.00 -12.19
C GLN A 291 -14.33 19.12 -11.69
N ARG A 292 -15.06 18.01 -11.68
CA ARG A 292 -16.40 18.05 -11.11
C ARG A 292 -16.35 18.20 -9.62
N TYR A 293 -15.43 17.47 -8.96
CA TYR A 293 -15.44 17.49 -7.49
C TYR A 293 -14.40 18.42 -6.86
N LEU A 294 -13.38 18.80 -7.60
CA LEU A 294 -12.39 19.75 -7.16
C LEU A 294 -12.18 20.78 -8.28
N PRO A 295 -13.12 21.72 -8.46
CA PRO A 295 -13.00 22.53 -9.69
C PRO A 295 -11.74 23.42 -9.59
N GLY A 296 -11.06 23.63 -10.76
CA GLY A 296 -9.85 24.47 -10.82
C GLY A 296 -8.54 23.78 -10.50
N ALA A 297 -8.59 22.46 -10.22
CA ALA A 297 -7.37 21.72 -9.89
C ALA A 297 -6.51 21.42 -11.07
N ALA A 298 -7.10 21.32 -12.27
CA ALA A 298 -6.37 20.78 -13.46
C ALA A 298 -6.27 21.86 -14.54
N ARG A 299 -5.52 22.93 -14.30
CA ARG A 299 -5.23 23.96 -15.34
C ARG A 299 -4.22 23.37 -16.36
N GLU A 300 -3.42 22.39 -15.93
CA GLU A 300 -2.37 21.77 -16.75
C GLU A 300 -2.14 20.39 -16.16
N VAL A 301 -1.99 19.40 -17.04
CA VAL A 301 -1.56 18.03 -16.65
C VAL A 301 -0.04 18.04 -16.63
N LEU A 302 0.52 17.63 -15.50
CA LEU A 302 1.98 17.54 -15.26
C LEU A 302 2.57 16.21 -15.60
N MET A 303 1.86 15.13 -15.29
CA MET A 303 2.42 13.76 -15.42
C MET A 303 1.28 12.77 -15.30
N THR A 304 1.49 11.59 -15.91
CA THR A 304 0.55 10.49 -15.75
C THR A 304 1.40 9.26 -15.46
N VAL A 305 0.81 8.30 -14.75
CA VAL A 305 1.56 7.17 -14.10
C VAL A 305 0.66 5.96 -14.17
N THR A 306 1.22 4.78 -14.46
CA THR A 306 0.43 3.53 -14.34
C THR A 306 1.05 2.73 -13.17
N CYS A 307 0.24 1.94 -12.55
CA CYS A 307 0.68 1.14 -11.43
C CYS A 307 -0.19 -0.09 -11.35
N LEU A 308 0.21 -1.05 -10.49
CA LEU A 308 -0.52 -2.36 -10.43
C LEU A 308 -1.04 -2.63 -9.04
N TYR A 309 -2.31 -3.08 -8.95
CA TYR A 309 -2.83 -3.64 -7.75
C TYR A 309 -2.92 -5.17 -7.88
N THR A 310 -2.86 -5.86 -6.76
CA THR A 310 -3.08 -7.33 -6.75
C THR A 310 -4.23 -7.63 -5.87
N MET A 311 -5.37 -7.99 -6.51
CA MET A 311 -6.61 -8.13 -5.74
C MET A 311 -6.99 -9.55 -5.30
N THR A 312 -7.49 -9.68 -4.06
CA THR A 312 -8.12 -10.91 -3.64
C THR A 312 -9.62 -10.79 -3.88
N PRO A 313 -10.33 -11.92 -3.81
CA PRO A 313 -11.79 -11.90 -4.02
C PRO A 313 -12.54 -11.01 -3.05
N ASP A 314 -12.08 -10.94 -1.79
CA ASP A 314 -12.73 -10.14 -0.69
C ASP A 314 -12.02 -8.83 -0.40
N ARG A 315 -10.94 -8.57 -1.15
CA ARG A 315 -10.13 -7.31 -1.03
C ARG A 315 -9.44 -7.25 0.33
N HIS A 316 -9.28 -8.34 1.01
CA HIS A 316 -8.45 -8.42 2.20
C HIS A 316 -7.12 -9.07 1.83
N PHE A 317 -6.10 -8.67 2.63
CA PHE A 317 -4.77 -9.16 2.34
C PHE A 317 -4.64 -10.66 2.58
N MET A 318 -3.57 -11.27 2.09
CA MET A 318 -3.25 -12.67 2.46
C MET A 318 -1.84 -12.66 3.06
N ILE A 319 -1.76 -13.19 4.26
CA ILE A 319 -0.44 -13.39 4.88
C ILE A 319 -0.50 -14.72 5.60
N ASP A 320 0.43 -15.64 5.32
CA ASP A 320 0.32 -16.94 5.97
C ASP A 320 1.62 -17.71 5.71
N ARG A 321 1.70 -18.88 6.32
CA ARG A 321 2.79 -19.83 5.98
C ARG A 321 2.36 -20.58 4.74
N HIS A 322 3.37 -21.10 4.04
CA HIS A 322 3.20 -21.97 2.89
C HIS A 322 2.50 -23.25 3.42
N PRO A 323 1.48 -23.74 2.68
CA PRO A 323 0.68 -24.84 3.27
C PRO A 323 1.44 -26.16 3.42
N GLU A 324 2.50 -26.36 2.66
CA GLU A 324 3.27 -27.58 2.80
C GLU A 324 4.60 -27.40 3.56
N TRP A 325 5.25 -26.25 3.36
CA TRP A 325 6.60 -26.06 3.85
C TRP A 325 6.61 -25.01 4.92
N PRO A 326 6.73 -25.38 6.19
CA PRO A 326 6.63 -24.38 7.23
C PRO A 326 7.84 -23.39 7.26
N GLN A 327 8.92 -23.69 6.52
CA GLN A 327 10.06 -22.80 6.43
CA GLN A 327 10.02 -22.77 6.47
C GLN A 327 9.82 -21.62 5.51
N VAL A 328 8.63 -21.54 4.93
CA VAL A 328 8.36 -20.50 3.89
C VAL A 328 7.15 -19.77 4.34
N VAL A 329 7.17 -18.41 4.32
CA VAL A 329 5.97 -17.57 4.59
C VAL A 329 5.80 -16.58 3.46
N PHE A 330 4.62 -16.00 3.31
CA PHE A 330 4.40 -15.09 2.22
C PHE A 330 3.26 -14.10 2.57
N ALA A 331 3.30 -12.95 1.85
CA ALA A 331 2.25 -11.96 1.89
C ALA A 331 2.01 -11.54 0.49
N ALA A 332 0.69 -11.45 0.19
CA ALA A 332 0.24 -11.06 -1.15
C ALA A 332 -1.20 -10.50 -1.11
N GLY A 333 -1.61 -9.97 -2.25
CA GLY A 333 -3.07 -9.65 -2.35
C GLY A 333 -3.46 -8.38 -1.59
N PHE A 334 -2.54 -7.38 -1.62
CA PHE A 334 -2.79 -6.16 -0.89
C PHE A 334 -3.89 -5.24 -1.41
N SER A 335 -4.40 -5.57 -2.60
CA SER A 335 -5.76 -5.10 -3.05
C SER A 335 -5.85 -3.61 -3.06
N GLY A 336 -4.71 -3.00 -3.33
CA GLY A 336 -4.66 -1.52 -3.51
C GLY A 336 -4.58 -0.73 -2.26
N HIS A 337 -4.35 -1.36 -1.09
CA HIS A 337 -4.44 -0.59 0.16
C HIS A 337 -3.45 -1.06 1.23
N GLY A 338 -2.41 -1.75 0.75
CA GLY A 338 -1.37 -2.23 1.70
C GLY A 338 -0.15 -1.39 2.11
N PHE A 339 0.13 -0.36 1.33
CA PHE A 339 1.46 0.29 1.56
C PHE A 339 1.46 0.79 3.03
N LYS A 340 0.41 1.45 3.54
CA LYS A 340 0.45 1.94 4.85
C LYS A 340 0.76 0.93 5.94
N PHE A 341 0.51 -0.37 5.63
CA PHE A 341 0.70 -1.42 6.62
C PHE A 341 2.06 -2.04 6.44
N ALA A 342 2.88 -1.50 5.49
CA ALA A 342 4.17 -2.25 5.24
C ALA A 342 5.03 -2.49 6.48
N SER A 343 5.18 -1.48 7.35
CA SER A 343 6.01 -1.63 8.57
C SER A 343 5.53 -2.76 9.48
N VAL A 344 4.20 -2.86 9.64
CA VAL A 344 3.70 -3.96 10.52
C VAL A 344 3.63 -5.30 9.78
N MET A 345 3.49 -5.29 8.43
CA MET A 345 3.54 -6.56 7.71
C MET A 345 4.96 -7.12 7.76
N GLY A 346 6.01 -6.28 7.78
CA GLY A 346 7.39 -6.76 7.91
C GLY A 346 7.58 -7.41 9.27
N GLU A 347 7.06 -6.76 10.31
N GLU A 347 7.08 -6.79 10.33
CA GLU A 347 7.04 -7.36 11.67
CA GLU A 347 7.13 -7.46 11.66
C GLU A 347 6.37 -8.72 11.68
C GLU A 347 6.37 -8.77 11.67
N ALA A 348 5.17 -8.80 11.11
CA ALA A 348 4.41 -10.05 11.08
C ALA A 348 5.09 -11.15 10.31
N LEU A 349 5.65 -10.82 9.12
CA LEU A 349 6.38 -11.80 8.34
C LEU A 349 7.59 -12.29 9.09
N ALA A 350 8.33 -11.40 9.77
CA ALA A 350 9.53 -11.82 10.49
C ALA A 350 9.09 -12.77 11.62
N ASP A 351 7.98 -12.47 12.27
CA ASP A 351 7.45 -13.40 13.34
C ASP A 351 7.08 -14.76 12.72
N LEU A 352 6.35 -14.79 11.59
CA LEU A 352 5.94 -16.07 10.99
C LEU A 352 7.15 -16.87 10.53
N ALA A 353 8.17 -16.17 10.02
CA ALA A 353 9.37 -16.88 9.51
C ALA A 353 10.19 -17.43 10.68
N LEU A 354 10.36 -16.67 11.74
CA LEU A 354 11.31 -17.07 12.83
C LEU A 354 10.64 -17.91 13.88
N GLU A 355 9.37 -17.63 14.15
CA GLU A 355 8.67 -18.22 15.32
C GLU A 355 7.48 -19.11 14.90
N GLY A 356 7.09 -19.12 13.62
CA GLY A 356 5.91 -19.83 13.18
C GLY A 356 4.57 -19.26 13.54
N ALA A 357 4.58 -18.12 14.22
CA ALA A 357 3.34 -17.52 14.76
C ALA A 357 3.64 -16.08 15.07
N SER A 358 2.60 -15.25 15.19
CA SER A 358 2.73 -13.85 15.57
C SER A 358 1.64 -13.50 16.66
N ARG A 359 1.99 -12.64 17.59
CA ARG A 359 1.00 -12.05 18.49
C ARG A 359 0.23 -10.94 17.81
N LEU A 360 0.67 -10.51 16.63
CA LEU A 360 -0.14 -9.46 15.93
C LEU A 360 -1.45 -10.08 15.52
N PRO A 361 -2.52 -9.28 15.49
CA PRO A 361 -3.84 -9.88 15.15
C PRO A 361 -4.09 -9.95 13.63
N ILE A 362 -3.37 -10.88 13.00
CA ILE A 362 -3.39 -11.07 11.56
C ILE A 362 -4.15 -12.30 11.13
N GLY A 363 -4.75 -12.99 12.12
CA GLY A 363 -5.57 -14.17 11.83
C GLY A 363 -6.59 -14.00 10.72
N PHE A 364 -7.28 -12.85 10.69
CA PHE A 364 -8.34 -12.66 9.73
C PHE A 364 -7.79 -12.54 8.31
N LEU A 365 -6.46 -12.37 8.15
CA LEU A 365 -5.85 -12.27 6.83
C LEU A 365 -5.17 -13.59 6.37
N SER A 366 -5.37 -14.66 7.15
CA SER A 366 -4.82 -15.95 6.69
C SER A 366 -5.60 -16.54 5.51
N PHE A 367 -5.14 -17.72 5.09
CA PHE A 367 -5.93 -18.54 4.07
C PHE A 367 -7.37 -18.86 4.45
N ARG A 368 -7.64 -18.96 5.75
CA ARG A 368 -8.92 -19.66 6.14
C ARG A 368 -10.22 -19.10 5.61
N ARG A 369 -10.31 -17.77 5.49
CA ARG A 369 -11.63 -17.24 5.20
C ARG A 369 -11.94 -17.47 3.72
N LEU A 370 -10.91 -17.87 2.95
CA LEU A 370 -11.08 -18.12 1.52
C LEU A 370 -11.35 -19.60 1.16
N ALA A 371 -11.24 -20.49 2.13
CA ALA A 371 -11.44 -21.93 1.88
C ALA A 371 -12.89 -22.25 1.46
N LYS A 372 -13.05 -23.32 0.70
CA LYS A 372 -14.37 -23.76 0.23
C LYS A 372 -15.14 -24.50 1.38
#